data_7CAR
#
_entry.id   7CAR
#
_cell.length_a   79.940
_cell.length_b   100.420
_cell.length_c   129.560
_cell.angle_alpha   90.00
_cell.angle_beta   90.00
_cell.angle_gamma   90.00
#
_symmetry.space_group_name_H-M   'C 2 2 21'
#
loop_
_entity.id
_entity.type
_entity.pdbx_description
1 polymer 'cis-prenyltransferase, MM_0014'
2 non-polymer '3-METHYLBUT-3-ENYL TRIHYDROGEN DIPHOSPHATE'
3 non-polymer 'PHOSPHATE ION'
4 non-polymer 'PALMITIC ACID'
5 water water
#
_entity_poly.entity_id   1
_entity_poly.type   'polypeptide(L)'
_entity_poly.pdbx_seq_one_letter_code
;GPGYQMDIPKFKRLPRHIAIIPDGNRRWALARGLEKHEGYSSGIIPGLEVYDICVKIGIGEVTFFGFTQDNTKRPQIQRK
AFTDACIKSVQEIAKRDAEILVVGNTNSDIFPEELLEYTKRTKVGKGKIKINFLINYGWYWDLTYAYDNSPDGKKMIENI
ASAEIPRVDLLIRWGGRCRLSGMLPVQTVYSDIYVVDEMWPDFKPEHLFKALEFYQNQDITLGG
;
_entity_poly.pdbx_strand_id   A,B
#
loop_
_chem_comp.id
_chem_comp.type
_chem_comp.name
_chem_comp.formula
IPE non-polymer '3-METHYLBUT-3-ENYL TRIHYDROGEN DIPHOSPHATE' 'C5 H12 O7 P2'
PLM non-polymer 'PALMITIC ACID' 'C16 H32 O2'
PO4 non-polymer 'PHOSPHATE ION' 'O4 P -3'
#
# COMPACT_ATOMS: atom_id res chain seq x y z
N PHE A 11 13.61 -18.50 11.94
CA PHE A 11 13.76 -17.31 11.06
C PHE A 11 14.82 -16.36 11.63
N LYS A 12 15.67 -15.83 10.75
CA LYS A 12 16.76 -14.88 11.10
C LYS A 12 16.14 -13.53 11.49
N ARG A 13 15.26 -13.03 10.62
CA ARG A 13 14.61 -11.71 10.68
C ARG A 13 13.10 -11.96 10.83
N LEU A 14 12.42 -11.22 11.72
CA LEU A 14 10.95 -11.32 11.91
C LEU A 14 10.36 -9.90 11.88
N PRO A 15 9.16 -9.67 11.31
CA PRO A 15 8.54 -8.35 11.35
C PRO A 15 8.05 -8.05 12.76
N ARG A 16 8.13 -6.81 13.19
CA ARG A 16 7.63 -6.42 14.54
C ARG A 16 6.12 -6.46 14.51
N HIS A 17 5.55 -5.97 13.40
CA HIS A 17 4.09 -5.83 13.24
C HIS A 17 3.63 -6.42 11.90
N ILE A 18 2.70 -7.36 11.96
CA ILE A 18 2.06 -8.04 10.79
C ILE A 18 0.62 -7.57 10.66
N ALA A 19 0.21 -7.16 9.47
CA ALA A 19 -1.19 -6.85 9.15
C ALA A 19 -1.77 -8.02 8.34
N ILE A 20 -3.03 -8.34 8.63
CA ILE A 20 -3.73 -9.50 8.01
C ILE A 20 -4.96 -8.97 7.28
N ILE A 21 -5.09 -9.28 5.99
CA ILE A 21 -6.33 -8.97 5.23
C ILE A 21 -6.94 -10.32 4.85
N PRO A 22 -7.94 -10.78 5.63
CA PRO A 22 -8.43 -12.17 5.56
C PRO A 22 -9.56 -12.23 4.52
N ASP A 23 -9.20 -12.00 3.26
CA ASP A 23 -10.16 -11.80 2.15
C ASP A 23 -10.38 -13.17 1.50
N GLY A 24 -11.45 -13.33 0.70
CA GLY A 24 -11.70 -14.57 -0.07
C GLY A 24 -12.89 -15.39 0.43
N ASN A 25 -13.59 -14.90 1.45
CA ASN A 25 -14.62 -15.66 2.22
C ASN A 25 -15.84 -15.99 1.33
N ARG A 26 -16.35 -15.01 0.57
CA ARG A 26 -17.53 -15.18 -0.31
C ARG A 26 -17.20 -16.08 -1.51
N ARG A 27 -16.06 -15.86 -2.17
CA ARG A 27 -15.61 -16.72 -3.30
C ARG A 27 -15.41 -18.14 -2.78
N TRP A 28 -14.86 -18.31 -1.58
CA TRP A 28 -14.61 -19.66 -0.99
C TRP A 28 -15.93 -20.42 -0.84
N ALA A 29 -16.95 -19.73 -0.30
CA ALA A 29 -18.32 -20.25 -0.06
C ALA A 29 -18.94 -20.72 -1.39
N LEU A 30 -18.99 -19.81 -2.37
CA LEU A 30 -19.53 -20.04 -3.74
C LEU A 30 -18.87 -21.29 -4.34
N ALA A 31 -17.54 -21.40 -4.28
CA ALA A 31 -16.78 -22.52 -4.92
C ALA A 31 -17.17 -23.83 -4.24
N ARG A 32 -17.67 -23.78 -3.01
CA ARG A 32 -18.09 -24.98 -2.23
C ARG A 32 -19.57 -25.29 -2.43
N GLY A 33 -20.27 -24.50 -3.25
CA GLY A 33 -21.73 -24.55 -3.42
C GLY A 33 -22.46 -24.07 -2.17
N LEU A 34 -21.89 -23.11 -1.42
CA LEU A 34 -22.61 -22.40 -0.35
C LEU A 34 -23.05 -21.03 -0.86
N GLU A 35 -23.79 -20.28 -0.04
CA GLU A 35 -24.21 -18.88 -0.31
C GLU A 35 -23.03 -17.95 0.04
N LYS A 36 -22.95 -16.77 -0.60
CA LYS A 36 -21.83 -15.81 -0.46
C LYS A 36 -21.60 -15.54 1.04
N HIS A 37 -22.68 -15.31 1.79
CA HIS A 37 -22.65 -14.86 3.21
C HIS A 37 -22.15 -15.95 4.13
N GLU A 38 -22.00 -17.19 3.66
CA GLU A 38 -21.81 -18.41 4.50
C GLU A 38 -20.32 -18.74 4.68
N GLY A 39 -19.41 -18.00 4.07
CA GLY A 39 -17.96 -18.30 4.19
C GLY A 39 -17.37 -17.68 5.45
N TYR A 40 -17.88 -16.54 5.86
CA TYR A 40 -17.28 -15.66 6.91
C TYR A 40 -17.05 -16.44 8.21
N SER A 41 -18.01 -17.28 8.61
CA SER A 41 -17.91 -18.12 9.85
C SER A 41 -16.77 -19.12 9.72
N SER A 42 -16.38 -19.53 8.50
CA SER A 42 -15.18 -20.38 8.30
C SER A 42 -13.88 -19.53 8.37
N GLY A 43 -13.98 -18.23 8.60
CA GLY A 43 -12.83 -17.31 8.78
C GLY A 43 -12.34 -17.25 10.21
N ILE A 44 -13.04 -17.86 11.18
CA ILE A 44 -12.77 -17.62 12.62
C ILE A 44 -11.53 -18.39 13.06
N ILE A 45 -11.49 -19.71 12.81
CA ILE A 45 -10.40 -20.65 13.22
C ILE A 45 -9.08 -20.23 12.57
N PRO A 46 -9.04 -19.89 11.26
CA PRO A 46 -7.81 -19.38 10.65
C PRO A 46 -7.11 -18.24 11.41
N GLY A 47 -7.89 -17.25 11.84
CA GLY A 47 -7.42 -16.15 12.71
C GLY A 47 -6.79 -16.69 13.97
N LEU A 48 -7.45 -17.66 14.61
CA LEU A 48 -6.91 -18.39 15.80
C LEU A 48 -5.56 -19.01 15.49
N GLU A 49 -5.39 -19.63 14.31
CA GLU A 49 -4.12 -20.31 13.96
C GLU A 49 -3.04 -19.24 13.73
N VAL A 50 -3.39 -18.15 13.03
CA VAL A 50 -2.41 -17.05 12.81
C VAL A 50 -1.94 -16.56 14.18
N TYR A 51 -2.89 -16.36 15.10
CA TYR A 51 -2.61 -15.95 16.51
C TYR A 51 -1.64 -16.97 17.14
N ASP A 52 -1.99 -18.26 17.14
CA ASP A 52 -1.13 -19.29 17.79
C ASP A 52 0.27 -19.28 17.19
N ILE A 53 0.39 -19.20 15.86
CA ILE A 53 1.74 -19.28 15.22
C ILE A 53 2.53 -18.02 15.62
N CYS A 54 1.85 -16.88 15.65
CA CYS A 54 2.48 -15.57 15.91
C CYS A 54 3.02 -15.58 17.34
N VAL A 55 2.22 -16.00 18.32
CA VAL A 55 2.61 -16.16 19.75
C VAL A 55 3.84 -17.08 19.80
N LYS A 56 3.73 -18.25 19.18
CA LYS A 56 4.79 -19.28 19.16
C LYS A 56 6.12 -18.67 18.67
N ILE A 57 6.12 -17.86 17.59
CA ILE A 57 7.39 -17.29 17.02
C ILE A 57 7.80 -16.04 17.79
N GLY A 58 6.87 -15.45 18.55
CA GLY A 58 7.10 -14.21 19.32
C GLY A 58 6.99 -12.95 18.47
N ILE A 59 6.09 -12.94 17.49
CA ILE A 59 5.67 -11.71 16.77
C ILE A 59 5.05 -10.77 17.80
N GLY A 60 5.42 -9.50 17.78
CA GLY A 60 5.00 -8.51 18.81
C GLY A 60 3.58 -8.06 18.60
N GLU A 61 3.16 -7.91 17.35
CA GLU A 61 1.88 -7.24 17.07
C GLU A 61 1.26 -7.80 15.79
N VAL A 62 -0.02 -8.11 15.84
CA VAL A 62 -0.79 -8.48 14.63
C VAL A 62 -2.02 -7.59 14.56
N THR A 63 -2.32 -7.03 13.40
CA THR A 63 -3.53 -6.24 13.12
C THR A 63 -4.35 -7.00 12.08
N PHE A 64 -5.55 -7.38 12.46
CA PHE A 64 -6.57 -8.02 11.59
C PHE A 64 -7.50 -6.97 11.04
N PHE A 65 -7.63 -6.98 9.72
CA PHE A 65 -8.64 -6.21 8.99
C PHE A 65 -9.99 -6.93 9.17
N GLY A 66 -10.88 -6.39 10.01
CA GLY A 66 -12.16 -7.04 10.32
C GLY A 66 -13.19 -6.69 9.26
N PHE A 67 -13.64 -5.44 9.27
CA PHE A 67 -14.49 -4.88 8.20
C PHE A 67 -14.43 -3.36 8.27
N THR A 68 -14.75 -2.72 7.14
CA THR A 68 -14.69 -1.25 6.96
C THR A 68 -16.08 -0.67 6.84
N GLN A 69 -16.15 0.66 6.91
CA GLN A 69 -17.37 1.44 6.61
C GLN A 69 -17.78 1.14 5.17
N ASP A 70 -16.82 1.04 4.24
CA ASP A 70 -17.07 0.64 2.83
C ASP A 70 -17.76 -0.72 2.78
N ASN A 71 -17.33 -1.69 3.62
CA ASN A 71 -17.86 -3.08 3.65
C ASN A 71 -19.34 -3.08 4.00
N THR A 72 -19.82 -2.06 4.71
CA THR A 72 -21.19 -2.01 5.30
C THR A 72 -22.24 -1.69 4.22
N LYS A 73 -21.84 -1.30 3.00
CA LYS A 73 -22.78 -1.00 1.87
C LYS A 73 -23.13 -2.30 1.13
N ARG A 74 -22.74 -3.45 1.70
CA ARG A 74 -23.02 -4.77 1.11
C ARG A 74 -24.42 -5.21 1.51
N PRO A 75 -24.92 -6.30 0.91
CA PRO A 75 -26.17 -6.90 1.38
C PRO A 75 -26.16 -7.18 2.89
N GLN A 76 -27.31 -6.96 3.53
CA GLN A 76 -27.55 -7.17 4.99
C GLN A 76 -27.14 -8.58 5.43
N ILE A 77 -27.48 -9.59 4.62
CA ILE A 77 -27.18 -11.02 4.93
C ILE A 77 -25.66 -11.20 5.12
N GLN A 78 -24.85 -10.57 4.27
CA GLN A 78 -23.36 -10.62 4.31
C GLN A 78 -22.87 -9.80 5.51
N ARG A 79 -23.45 -8.61 5.76
CA ARG A 79 -22.98 -7.70 6.83
C ARG A 79 -23.16 -8.39 8.18
N LYS A 80 -24.34 -8.98 8.41
CA LYS A 80 -24.60 -9.72 9.67
C LYS A 80 -23.57 -10.83 9.83
N ALA A 81 -23.30 -11.59 8.78
CA ALA A 81 -22.39 -12.75 8.80
C ALA A 81 -20.95 -12.29 9.13
N PHE A 82 -20.41 -11.26 8.46
CA PHE A 82 -19.01 -10.84 8.69
C PHE A 82 -18.93 -10.12 10.04
N THR A 83 -19.93 -9.35 10.41
CA THR A 83 -19.97 -8.71 11.76
C THR A 83 -19.89 -9.80 12.83
N ASP A 84 -20.74 -10.83 12.76
CA ASP A 84 -20.80 -11.87 13.80
C ASP A 84 -19.46 -12.61 13.86
N ALA A 85 -18.85 -12.86 12.70
CA ALA A 85 -17.58 -13.61 12.63
C ALA A 85 -16.47 -12.76 13.26
N CYS A 86 -16.50 -11.44 13.09
CA CYS A 86 -15.53 -10.49 13.71
C CYS A 86 -15.72 -10.54 15.24
N ILE A 87 -16.97 -10.33 15.68
CA ILE A 87 -17.34 -10.42 17.13
C ILE A 87 -16.76 -11.71 17.72
N LYS A 88 -17.00 -12.86 17.08
CA LYS A 88 -16.57 -14.18 17.62
C LYS A 88 -15.05 -14.30 17.66
N SER A 89 -14.35 -13.80 16.62
CA SER A 89 -12.85 -13.81 16.55
C SER A 89 -12.26 -13.06 17.74
N VAL A 90 -12.77 -11.86 18.01
CA VAL A 90 -12.26 -11.00 19.13
C VAL A 90 -12.55 -11.76 20.43
N GLN A 91 -13.79 -12.22 20.61
CA GLN A 91 -14.21 -12.92 21.86
C GLN A 91 -13.27 -14.11 22.07
N GLU A 92 -12.94 -14.83 21.00
CA GLU A 92 -12.09 -16.05 21.07
C GLU A 92 -10.65 -15.67 21.43
N ILE A 93 -10.12 -14.58 20.86
CA ILE A 93 -8.72 -14.13 21.19
C ILE A 93 -8.74 -13.64 22.63
N ALA A 94 -9.84 -13.02 23.09
CA ALA A 94 -10.03 -12.53 24.48
C ALA A 94 -10.02 -13.69 25.48
N LYS A 95 -10.41 -14.89 25.06
CA LYS A 95 -10.29 -16.12 25.89
C LYS A 95 -8.84 -16.62 25.95
N ARG A 96 -7.87 -15.93 25.31
CA ARG A 96 -6.46 -16.40 25.19
C ARG A 96 -5.53 -15.41 25.90
N ASP A 97 -4.25 -15.41 25.55
CA ASP A 97 -3.19 -14.55 26.15
C ASP A 97 -2.82 -13.44 25.16
N ALA A 98 -3.43 -12.27 25.28
CA ALA A 98 -3.31 -11.19 24.28
C ALA A 98 -3.59 -9.85 24.93
N GLU A 99 -2.99 -8.79 24.41
CA GLU A 99 -3.38 -7.39 24.66
C GLU A 99 -4.23 -6.94 23.48
N ILE A 100 -5.55 -6.94 23.63
CA ILE A 100 -6.52 -6.70 22.52
C ILE A 100 -6.84 -5.22 22.39
N LEU A 101 -6.84 -4.70 21.16
CA LEU A 101 -7.38 -3.36 20.84
C LEU A 101 -8.26 -3.46 19.59
N VAL A 102 -9.35 -2.69 19.59
CA VAL A 102 -10.33 -2.59 18.47
C VAL A 102 -10.38 -1.12 18.09
N VAL A 103 -10.14 -0.81 16.82
CA VAL A 103 -10.14 0.57 16.27
C VAL A 103 -11.22 0.61 15.20
N GLY A 104 -12.00 1.68 15.18
CA GLY A 104 -13.04 1.92 14.18
C GLY A 104 -14.02 2.91 14.73
N ASN A 105 -14.95 3.36 13.88
CA ASN A 105 -15.95 4.42 14.15
C ASN A 105 -17.01 3.85 15.11
N THR A 106 -16.86 4.16 16.40
CA THR A 106 -17.80 3.77 17.49
C THR A 106 -19.03 4.70 17.52
N ASN A 107 -18.95 5.87 16.88
CA ASN A 107 -20.08 6.84 16.74
C ASN A 107 -20.96 6.41 15.56
N SER A 108 -21.54 5.20 15.61
CA SER A 108 -22.39 4.61 14.54
C SER A 108 -23.09 3.34 15.06
N ASP A 109 -24.36 3.15 14.68
CA ASP A 109 -25.19 1.95 14.94
C ASP A 109 -24.46 0.68 14.55
N ILE A 110 -23.68 0.76 13.46
CA ILE A 110 -23.04 -0.41 12.79
C ILE A 110 -21.98 -1.01 13.71
N PHE A 111 -21.37 -0.18 14.56
CA PHE A 111 -20.31 -0.67 15.47
C PHE A 111 -20.92 -1.62 16.49
N PRO A 112 -20.50 -2.89 16.57
CA PRO A 112 -21.05 -3.83 17.55
C PRO A 112 -20.74 -3.40 19.00
N GLU A 113 -21.81 -3.20 19.77
CA GLU A 113 -21.75 -2.94 21.22
C GLU A 113 -20.84 -3.96 21.89
N GLU A 114 -20.90 -5.25 21.51
CA GLU A 114 -20.07 -6.32 22.12
C GLU A 114 -18.58 -5.95 22.08
N LEU A 115 -18.14 -5.09 21.17
CA LEU A 115 -16.68 -4.84 21.01
C LEU A 115 -16.24 -3.52 21.64
N LEU A 116 -17.17 -2.73 22.21
CA LEU A 116 -16.88 -1.38 22.76
C LEU A 116 -15.86 -1.49 23.90
N GLU A 117 -15.91 -2.58 24.67
CA GLU A 117 -15.02 -2.81 25.84
C GLU A 117 -13.59 -3.09 25.39
N TYR A 118 -13.33 -3.31 24.09
CA TYR A 118 -11.96 -3.55 23.57
C TYR A 118 -11.39 -2.30 22.87
N THR A 119 -12.05 -1.14 22.97
CA THR A 119 -11.63 0.11 22.27
C THR A 119 -10.55 0.83 23.09
N LYS A 120 -10.12 0.24 24.20
CA LYS A 120 -8.94 0.65 24.96
C LYS A 120 -8.17 -0.65 25.15
N ARG A 121 -6.87 -0.69 24.93
CA ARG A 121 -6.16 -1.99 24.92
C ARG A 121 -6.45 -2.76 26.23
N THR A 122 -6.91 -4.00 26.10
CA THR A 122 -7.36 -4.89 27.21
C THR A 122 -6.44 -6.11 27.30
N LYS A 123 -5.71 -6.25 28.40
CA LYS A 123 -4.88 -7.47 28.62
C LYS A 123 -5.84 -8.61 28.99
N VAL A 124 -5.68 -9.80 28.38
CA VAL A 124 -6.44 -11.04 28.68
C VAL A 124 -5.43 -12.18 28.88
N GLY A 125 -5.74 -13.14 29.75
CA GLY A 125 -4.81 -14.24 30.09
C GLY A 125 -3.44 -13.68 30.46
N LYS A 126 -2.37 -14.22 29.86
CA LYS A 126 -0.96 -13.92 30.21
C LYS A 126 -0.42 -12.77 29.36
N GLY A 127 -1.21 -12.26 28.40
CA GLY A 127 -0.90 -11.05 27.62
C GLY A 127 0.27 -11.24 26.66
N LYS A 128 1.22 -10.30 26.69
CA LYS A 128 2.41 -10.21 25.80
C LYS A 128 1.98 -9.69 24.42
N ILE A 129 1.43 -10.55 23.54
CA ILE A 129 1.27 -10.20 22.09
C ILE A 129 0.10 -9.23 21.95
N LYS A 130 0.31 -8.19 21.15
CA LYS A 130 -0.69 -7.12 20.85
C LYS A 130 -1.48 -7.64 19.65
N ILE A 131 -2.81 -7.65 19.77
CA ILE A 131 -3.72 -8.05 18.66
C ILE A 131 -4.72 -6.92 18.47
N ASN A 132 -4.72 -6.36 17.27
CA ASN A 132 -5.58 -5.24 16.86
C ASN A 132 -6.60 -5.82 15.89
N PHE A 133 -7.81 -5.27 15.94
CA PHE A 133 -8.92 -5.50 14.98
C PHE A 133 -9.39 -4.14 14.49
N LEU A 134 -9.51 -4.02 13.17
CA LEU A 134 -10.13 -2.86 12.50
C LEU A 134 -11.59 -3.24 12.24
N ILE A 135 -12.50 -2.60 12.98
CA ILE A 135 -13.97 -2.89 13.00
C ILE A 135 -14.70 -1.60 12.66
N ASN A 136 -15.46 -1.57 11.56
CA ASN A 136 -16.14 -0.34 11.10
C ASN A 136 -15.07 0.73 10.91
N TYR A 137 -13.91 0.31 10.40
CA TYR A 137 -12.74 1.17 10.08
C TYR A 137 -12.95 1.77 8.68
N GLY A 138 -12.43 2.97 8.48
CA GLY A 138 -12.31 3.58 7.14
C GLY A 138 -11.08 4.48 7.08
N TRP A 139 -10.30 4.37 6.01
CA TRP A 139 -9.04 5.17 5.87
C TRP A 139 -9.34 6.66 6.04
N TYR A 140 -10.41 7.19 5.44
CA TYR A 140 -10.76 8.63 5.38
C TYR A 140 -11.14 9.09 6.80
N TRP A 141 -11.99 8.31 7.47
CA TRP A 141 -12.33 8.49 8.91
C TRP A 141 -11.04 8.56 9.73
N ASP A 142 -10.10 7.64 9.48
CA ASP A 142 -8.81 7.54 10.21
C ASP A 142 -8.02 8.84 10.05
N LEU A 143 -7.84 9.31 8.81
CA LEU A 143 -6.95 10.47 8.53
C LEU A 143 -7.60 11.78 9.01
N THR A 144 -8.91 11.95 8.80
CA THR A 144 -9.69 13.17 9.13
C THR A 144 -9.85 13.34 10.64
N TYR A 145 -9.85 12.24 11.40
CA TYR A 145 -10.04 12.20 12.87
C TYR A 145 -9.19 13.27 13.53
N ALA A 146 -7.94 13.36 13.08
CA ALA A 146 -6.87 14.29 13.55
C ALA A 146 -7.20 15.74 13.17
N TYR A 147 -7.68 15.95 11.94
CA TYR A 147 -8.04 17.26 11.35
C TYR A 147 -9.37 17.74 11.94
N ASP A 148 -9.70 17.33 13.16
CA ASP A 148 -10.85 17.86 13.94
C ASP A 148 -10.43 19.21 14.54
N ASN A 149 -9.53 19.16 15.53
CA ASN A 149 -9.06 20.36 16.30
C ASN A 149 -7.65 20.06 16.80
N SER A 150 -6.66 20.08 15.90
CA SER A 150 -5.24 19.76 16.18
C SER A 150 -4.40 21.03 16.13
N PRO A 151 -3.51 21.27 17.13
CA PRO A 151 -2.58 22.40 17.10
C PRO A 151 -1.78 22.61 15.80
N ASP A 152 -1.40 21.55 15.09
CA ASP A 152 -0.52 21.65 13.89
C ASP A 152 -0.52 20.34 13.09
N GLY A 153 0.22 20.33 11.97
CA GLY A 153 0.48 19.14 11.15
C GLY A 153 1.17 18.05 11.95
N LYS A 154 2.25 18.40 12.65
CA LYS A 154 3.03 17.46 13.53
C LYS A 154 2.10 16.83 14.59
N LYS A 155 1.01 17.51 14.96
CA LYS A 155 -0.01 16.99 15.90
C LYS A 155 -0.92 15.98 15.19
N MET A 156 -1.44 16.34 14.01
CA MET A 156 -2.42 15.55 13.21
C MET A 156 -2.02 14.07 13.17
N ILE A 157 -0.83 13.74 12.63
CA ILE A 157 -0.38 12.33 12.41
C ILE A 157 -0.34 11.57 13.73
N GLU A 158 0.01 12.26 14.83
CA GLU A 158 0.08 11.63 16.18
C GLU A 158 -1.34 11.34 16.66
N ASN A 159 -2.34 11.96 16.04
CA ASN A 159 -3.74 11.98 16.52
C ASN A 159 -4.68 11.39 15.45
N ILE A 160 -4.19 10.58 14.49
CA ILE A 160 -5.10 9.85 13.56
C ILE A 160 -5.86 8.84 14.43
N ALA A 161 -7.03 8.40 14.01
CA ALA A 161 -7.86 7.49 14.85
C ALA A 161 -7.05 6.23 15.20
N SER A 162 -6.12 5.80 14.33
CA SER A 162 -5.34 4.54 14.49
C SER A 162 -3.98 4.79 15.13
N ALA A 163 -3.77 5.95 15.76
CA ALA A 163 -2.43 6.41 16.20
C ALA A 163 -1.79 5.37 17.09
N GLU A 164 -2.59 4.58 17.81
CA GLU A 164 -2.08 3.57 18.76
C GLU A 164 -1.48 2.38 18.02
N ILE A 165 -1.85 2.19 16.76
CA ILE A 165 -1.31 1.07 15.94
C ILE A 165 -0.04 1.56 15.24
N PRO A 166 1.13 0.94 15.50
CA PRO A 166 2.39 1.37 14.89
C PRO A 166 2.55 0.90 13.43
N ARG A 167 3.64 1.33 12.79
CA ARG A 167 4.01 0.99 11.38
C ARG A 167 3.87 -0.52 11.18
N VAL A 168 3.27 -0.90 10.06
CA VAL A 168 3.18 -2.32 9.60
C VAL A 168 4.47 -2.68 8.83
N ASP A 169 5.15 -3.75 9.26
CA ASP A 169 6.35 -4.27 8.58
C ASP A 169 5.92 -5.16 7.41
N LEU A 170 4.99 -6.07 7.66
CA LEU A 170 4.58 -7.11 6.68
C LEU A 170 3.06 -7.19 6.68
N LEU A 171 2.46 -7.01 5.50
CA LEU A 171 1.01 -7.15 5.30
C LEU A 171 0.78 -8.40 4.44
N ILE A 172 -0.05 -9.32 4.96
CA ILE A 172 -0.41 -10.57 4.26
C ILE A 172 -1.90 -10.53 3.95
N ARG A 173 -2.24 -10.67 2.67
CA ARG A 173 -3.61 -10.65 2.10
C ARG A 173 -3.91 -12.01 1.42
N TRP A 174 -4.98 -12.64 1.90
CA TRP A 174 -5.57 -13.87 1.32
C TRP A 174 -6.55 -13.46 0.22
N GLY A 175 -6.80 -14.36 -0.70
CA GLY A 175 -7.83 -14.18 -1.73
C GLY A 175 -7.26 -13.58 -3.00
N GLY A 176 -5.93 -13.53 -3.11
CA GLY A 176 -5.26 -13.34 -4.41
C GLY A 176 -5.29 -11.89 -4.93
N ARG A 177 -5.91 -10.93 -4.26
CA ARG A 177 -5.90 -9.51 -4.73
C ARG A 177 -4.65 -8.82 -4.12
N CYS A 178 -3.94 -8.05 -4.92
CA CYS A 178 -2.79 -7.23 -4.43
C CYS A 178 -3.23 -5.78 -4.34
N ARG A 179 -3.83 -5.43 -3.19
CA ARG A 179 -4.33 -4.08 -2.89
C ARG A 179 -4.54 -3.96 -1.39
N LEU A 180 -4.48 -2.74 -0.88
CA LEU A 180 -4.58 -2.48 0.58
C LEU A 180 -6.02 -2.37 1.04
N SER A 181 -6.97 -2.03 0.16
CA SER A 181 -8.41 -1.78 0.49
C SER A 181 -8.50 -0.81 1.67
N GLY A 182 -7.64 0.20 1.68
CA GLY A 182 -7.74 1.34 2.61
C GLY A 182 -7.30 0.97 4.01
N MET A 183 -6.60 -0.15 4.19
CA MET A 183 -6.06 -0.53 5.50
C MET A 183 -4.87 0.36 5.90
N LEU A 184 -5.10 1.25 6.87
CA LEU A 184 -4.05 1.99 7.62
C LEU A 184 -3.08 2.66 6.64
N PRO A 185 -3.50 3.66 5.84
CA PRO A 185 -2.61 4.28 4.85
C PRO A 185 -1.30 4.82 5.46
N VAL A 186 -1.34 5.33 6.69
CA VAL A 186 -0.13 5.88 7.35
C VAL A 186 0.84 4.76 7.71
N GLN A 187 0.32 3.67 8.25
CA GLN A 187 1.17 2.60 8.82
C GLN A 187 1.70 1.71 7.69
N THR A 188 1.11 1.76 6.51
CA THR A 188 1.43 0.81 5.41
C THR A 188 2.34 1.44 4.33
N VAL A 189 2.81 2.68 4.51
CA VAL A 189 3.66 3.38 3.49
C VAL A 189 4.84 2.52 3.02
N TYR A 190 5.50 1.78 3.92
CA TYR A 190 6.70 0.98 3.62
C TYR A 190 6.46 -0.52 3.81
N SER A 191 5.24 -0.96 4.11
CA SER A 191 4.93 -2.39 4.32
C SER A 191 5.28 -3.23 3.08
N ASP A 192 6.00 -4.32 3.30
CA ASP A 192 6.16 -5.37 2.28
C ASP A 192 4.85 -6.14 2.24
N ILE A 193 4.33 -6.35 1.05
CA ILE A 193 2.98 -6.94 0.85
C ILE A 193 3.18 -8.33 0.25
N TYR A 194 2.62 -9.37 0.88
CA TYR A 194 2.65 -10.77 0.43
C TYR A 194 1.21 -11.23 0.19
N VAL A 195 0.90 -11.68 -1.03
CA VAL A 195 -0.47 -12.10 -1.42
C VAL A 195 -0.52 -13.62 -1.42
N VAL A 196 -1.47 -14.20 -0.68
CA VAL A 196 -1.78 -15.65 -0.75
C VAL A 196 -2.94 -15.81 -1.73
N ASP A 197 -2.76 -16.66 -2.74
CA ASP A 197 -3.78 -16.91 -3.78
C ASP A 197 -4.99 -17.61 -3.18
N GLU A 198 -4.79 -18.51 -2.23
CA GLU A 198 -5.92 -19.20 -1.53
C GLU A 198 -6.79 -18.17 -0.79
N MET A 199 -8.08 -18.47 -0.70
CA MET A 199 -9.09 -17.69 0.06
C MET A 199 -8.85 -17.97 1.54
N TRP A 200 -9.22 -17.00 2.36
CA TRP A 200 -8.87 -16.97 3.81
C TRP A 200 -9.27 -18.26 4.51
N PRO A 201 -10.50 -18.80 4.27
CA PRO A 201 -10.92 -20.04 4.94
C PRO A 201 -10.05 -21.25 4.60
N ASP A 202 -9.25 -21.17 3.51
CA ASP A 202 -8.29 -22.23 3.14
C ASP A 202 -6.92 -21.93 3.73
N PHE A 203 -6.85 -21.06 4.75
CA PHE A 203 -5.58 -20.75 5.46
C PHE A 203 -4.85 -22.06 5.79
N LYS A 204 -3.55 -22.11 5.50
CA LYS A 204 -2.61 -23.18 5.90
C LYS A 204 -1.45 -22.48 6.58
N PRO A 205 -0.86 -23.10 7.63
CA PRO A 205 0.33 -22.54 8.28
C PRO A 205 1.40 -22.12 7.26
N GLU A 206 1.58 -22.89 6.17
CA GLU A 206 2.68 -22.64 5.22
C GLU A 206 2.47 -21.28 4.54
N HIS A 207 1.23 -20.77 4.48
CA HIS A 207 0.90 -19.41 3.96
C HIS A 207 1.67 -18.38 4.75
N LEU A 208 1.56 -18.46 6.09
CA LEU A 208 2.29 -17.58 7.02
C LEU A 208 3.78 -17.88 6.98
N PHE A 209 4.21 -19.15 6.92
CA PHE A 209 5.66 -19.45 6.92
C PHE A 209 6.30 -18.84 5.66
N LYS A 210 5.65 -18.99 4.52
CA LYS A 210 6.07 -18.46 3.20
C LYS A 210 6.12 -16.91 3.26
N ALA A 211 5.15 -16.26 3.91
CA ALA A 211 5.11 -14.78 4.03
C ALA A 211 6.32 -14.34 4.88
N LEU A 212 6.60 -15.07 5.94
CA LEU A 212 7.73 -14.76 6.86
C LEU A 212 9.09 -14.98 6.15
N GLU A 213 9.22 -16.00 5.30
CA GLU A 213 10.44 -16.21 4.48
C GLU A 213 10.61 -15.03 3.51
N PHE A 214 9.56 -14.67 2.78
CA PHE A 214 9.54 -13.48 1.89
C PHE A 214 10.10 -12.28 2.65
N TYR A 215 9.58 -12.02 3.85
CA TYR A 215 9.97 -10.85 4.67
C TYR A 215 11.46 -10.94 5.00
N GLN A 216 11.91 -12.09 5.51
CA GLN A 216 13.31 -12.26 5.95
C GLN A 216 14.24 -12.24 4.73
N ASN A 217 13.78 -12.65 3.55
CA ASN A 217 14.53 -12.62 2.27
C ASN A 217 14.71 -11.18 1.73
N GLN A 218 14.05 -10.16 2.28
CA GLN A 218 14.18 -8.80 1.71
C GLN A 218 15.64 -8.32 1.90
N ASP A 219 16.15 -7.60 0.91
CA ASP A 219 17.53 -7.08 0.91
C ASP A 219 17.51 -5.80 1.77
N ILE A 220 18.16 -5.75 2.92
CA ILE A 220 18.06 -4.60 3.86
C ILE A 220 19.03 -3.48 3.44
N THR A 221 19.82 -3.67 2.38
CA THR A 221 20.74 -2.63 1.84
C THR A 221 19.97 -1.58 1.01
N LEU A 222 18.73 -1.89 0.67
CA LEU A 222 17.96 -1.22 -0.41
C LEU A 222 17.21 0.01 0.13
N GLY A 223 17.17 0.22 1.45
CA GLY A 223 16.37 1.28 2.11
C GLY A 223 14.85 1.16 1.89
N GLY A 224 14.13 2.27 2.05
CA GLY A 224 12.65 2.27 2.04
C GLY A 224 12.07 2.07 0.66
N ILE B 8 1.43 -4.74 -29.68
CA ILE B 8 0.50 -4.21 -28.64
C ILE B 8 -0.80 -5.01 -28.71
N PRO B 9 -1.22 -5.71 -27.63
CA PRO B 9 -2.52 -6.38 -27.63
C PRO B 9 -3.63 -5.33 -27.53
N LYS B 10 -4.88 -5.75 -27.73
CA LYS B 10 -6.10 -4.93 -27.45
C LYS B 10 -6.57 -5.30 -26.04
N PHE B 11 -7.14 -4.33 -25.31
CA PHE B 11 -7.67 -4.52 -23.94
C PHE B 11 -9.15 -4.13 -23.87
N LYS B 12 -9.94 -4.91 -23.11
CA LYS B 12 -11.37 -4.67 -22.79
C LYS B 12 -11.50 -3.52 -21.77
N ARG B 13 -10.72 -3.60 -20.70
CA ARG B 13 -10.70 -2.66 -19.54
C ARG B 13 -9.31 -2.00 -19.54
N LEU B 14 -9.23 -0.71 -19.24
CA LEU B 14 -7.96 0.03 -19.06
C LEU B 14 -8.06 0.94 -17.84
N PRO B 15 -6.98 1.08 -17.04
CA PRO B 15 -7.01 1.95 -15.88
C PRO B 15 -7.05 3.38 -16.41
N ARG B 16 -7.74 4.27 -15.70
CA ARG B 16 -7.71 5.72 -15.99
C ARG B 16 -6.32 6.25 -15.62
N HIS B 17 -5.81 5.83 -14.47
CA HIS B 17 -4.56 6.38 -13.89
C HIS B 17 -3.60 5.26 -13.49
N ILE B 18 -2.39 5.27 -14.05
CA ILE B 18 -1.29 4.30 -13.78
C ILE B 18 -0.21 5.05 -12.99
N ALA B 19 0.25 4.43 -11.89
CA ALA B 19 1.42 4.87 -11.14
C ALA B 19 2.56 3.93 -11.52
N ILE B 20 3.76 4.49 -11.62
CA ILE B 20 5.00 3.79 -12.01
C ILE B 20 6.00 3.99 -10.87
N ILE B 21 6.53 2.91 -10.33
CA ILE B 21 7.68 2.96 -9.39
C ILE B 21 8.84 2.32 -10.15
N PRO B 22 9.73 3.15 -10.74
CA PRO B 22 10.80 2.67 -11.61
C PRO B 22 12.05 2.30 -10.82
N ASP B 23 11.92 1.27 -9.99
CA ASP B 23 12.92 0.84 -8.99
C ASP B 23 13.83 -0.22 -9.61
N GLY B 24 14.98 -0.52 -9.01
CA GLY B 24 15.92 -1.58 -9.45
C GLY B 24 17.20 -1.04 -10.10
N ASN B 25 17.32 0.27 -10.18
CA ASN B 25 18.42 0.93 -10.95
C ASN B 25 19.81 0.58 -10.37
N ARG B 26 19.97 0.59 -9.04
CA ARG B 26 21.28 0.32 -8.39
C ARG B 26 21.64 -1.17 -8.56
N ARG B 27 20.73 -2.10 -8.26
CA ARG B 27 20.99 -3.55 -8.43
C ARG B 27 21.32 -3.86 -9.90
N TRP B 28 20.64 -3.20 -10.85
CA TRP B 28 20.87 -3.36 -12.31
C TRP B 28 22.33 -3.01 -12.65
N ALA B 29 22.78 -1.86 -12.17
CA ALA B 29 24.18 -1.37 -12.33
C ALA B 29 25.17 -2.38 -11.75
N LEU B 30 24.96 -2.80 -10.49
CA LEU B 30 25.86 -3.75 -9.78
C LEU B 30 25.97 -5.07 -10.55
N ALA B 31 24.88 -5.59 -11.09
CA ALA B 31 24.86 -6.92 -11.78
C ALA B 31 25.65 -6.81 -13.09
N ARG B 32 25.84 -5.61 -13.61
CA ARG B 32 26.57 -5.32 -14.87
C ARG B 32 28.04 -4.97 -14.54
N GLY B 33 28.41 -5.01 -13.26
CA GLY B 33 29.75 -4.61 -12.78
C GLY B 33 29.93 -3.12 -12.77
N LEU B 34 28.85 -2.33 -12.74
CA LEU B 34 28.93 -0.84 -12.70
C LEU B 34 28.86 -0.40 -11.24
N GLU B 35 29.06 0.89 -10.99
CA GLU B 35 28.84 1.49 -9.65
C GLU B 35 27.33 1.62 -9.40
N LYS B 36 26.90 1.69 -8.13
CA LYS B 36 25.47 1.75 -7.71
C LYS B 36 24.80 2.95 -8.37
N HIS B 37 25.50 4.09 -8.43
CA HIS B 37 24.96 5.38 -8.93
C HIS B 37 24.76 5.35 -10.46
N GLU B 38 25.33 4.36 -11.17
CA GLU B 38 25.51 4.40 -12.65
C GLU B 38 24.36 3.68 -13.39
N GLY B 39 23.30 3.25 -12.70
CA GLY B 39 22.09 2.68 -13.34
C GLY B 39 21.02 3.70 -13.69
N TYR B 40 20.91 4.79 -12.92
CA TYR B 40 19.79 5.76 -12.96
C TYR B 40 19.64 6.28 -14.41
N SER B 41 20.73 6.70 -15.06
CA SER B 41 20.72 7.27 -16.44
C SER B 41 20.10 6.27 -17.42
N SER B 42 20.22 4.96 -17.15
CA SER B 42 19.61 3.93 -17.99
C SER B 42 18.10 3.82 -17.71
N GLY B 43 17.57 4.64 -16.79
CA GLY B 43 16.14 4.66 -16.45
C GLY B 43 15.36 5.61 -17.35
N ILE B 44 16.04 6.44 -18.15
CA ILE B 44 15.39 7.60 -18.86
C ILE B 44 14.57 7.05 -20.04
N ILE B 45 15.18 6.24 -20.91
CA ILE B 45 14.52 5.71 -22.15
C ILE B 45 13.31 4.88 -21.77
N PRO B 46 13.39 3.97 -20.76
CA PRO B 46 12.22 3.20 -20.32
C PRO B 46 10.97 4.04 -19.99
N GLY B 47 11.17 5.19 -19.37
CA GLY B 47 10.09 6.13 -19.03
C GLY B 47 9.45 6.64 -20.30
N LEU B 48 10.31 6.95 -21.29
CA LEU B 48 9.91 7.35 -22.66
C LEU B 48 9.06 6.25 -23.28
N GLU B 49 9.43 4.97 -23.16
CA GLU B 49 8.69 3.83 -23.75
C GLU B 49 7.36 3.64 -23.03
N VAL B 50 7.34 3.79 -21.71
CA VAL B 50 6.04 3.69 -20.95
C VAL B 50 5.14 4.83 -21.46
N TYR B 51 5.69 6.05 -21.56
CA TYR B 51 4.92 7.22 -22.06
C TYR B 51 4.35 6.89 -23.46
N ASP B 52 5.20 6.43 -24.39
CA ASP B 52 4.77 6.12 -25.79
C ASP B 52 3.67 5.05 -25.81
N ILE B 53 3.78 3.99 -25.01
CA ILE B 53 2.78 2.88 -25.02
C ILE B 53 1.49 3.42 -24.42
N CYS B 54 1.58 4.25 -23.38
CA CYS B 54 0.40 4.82 -22.68
C CYS B 54 -0.39 5.74 -23.64
N VAL B 55 0.30 6.67 -24.31
CA VAL B 55 -0.30 7.56 -25.35
C VAL B 55 -1.01 6.70 -26.40
N LYS B 56 -0.32 5.67 -26.91
CA LYS B 56 -0.79 4.75 -27.97
C LYS B 56 -2.09 4.06 -27.54
N ILE B 57 -2.21 3.59 -26.30
CA ILE B 57 -3.44 2.88 -25.81
C ILE B 57 -4.45 3.91 -25.31
N GLY B 58 -4.06 5.19 -25.16
CA GLY B 58 -4.94 6.27 -24.66
C GLY B 58 -5.21 6.14 -23.17
N ILE B 59 -4.21 5.75 -22.36
CA ILE B 59 -4.23 5.92 -20.88
C ILE B 59 -4.36 7.42 -20.62
N GLY B 60 -5.21 7.82 -19.69
CA GLY B 60 -5.49 9.24 -19.40
C GLY B 60 -4.42 9.89 -18.57
N GLU B 61 -3.88 9.16 -17.57
CA GLU B 61 -2.93 9.77 -16.60
C GLU B 61 -1.89 8.71 -16.23
N VAL B 62 -0.63 9.12 -16.11
CA VAL B 62 0.47 8.29 -15.55
C VAL B 62 1.19 9.12 -14.49
N THR B 63 1.44 8.56 -13.31
CA THR B 63 2.28 9.21 -12.27
C THR B 63 3.56 8.40 -12.12
N PHE B 64 4.70 9.05 -12.40
CA PHE B 64 6.05 8.53 -12.12
C PHE B 64 6.48 8.92 -10.70
N PHE B 65 6.93 7.91 -9.96
CA PHE B 65 7.73 8.10 -8.74
C PHE B 65 9.12 8.54 -9.23
N GLY B 66 9.50 9.81 -9.01
CA GLY B 66 10.86 10.30 -9.36
C GLY B 66 11.82 10.04 -8.23
N PHE B 67 11.75 10.85 -7.18
CA PHE B 67 12.44 10.57 -5.91
C PHE B 67 11.70 11.25 -4.77
N THR B 68 11.98 10.79 -3.56
CA THR B 68 11.32 11.24 -2.30
C THR B 68 12.34 11.90 -1.40
N GLN B 69 11.85 12.60 -0.38
CA GLN B 69 12.68 13.20 0.71
C GLN B 69 13.49 12.09 1.39
N ASP B 70 12.89 10.92 1.57
CA ASP B 70 13.59 9.74 2.10
C ASP B 70 14.77 9.35 1.19
N ASN B 71 14.59 9.41 -0.12
CA ASN B 71 15.63 9.01 -1.10
C ASN B 71 16.87 9.92 -0.97
N THR B 72 16.72 11.14 -0.45
CA THR B 72 17.79 12.16 -0.38
C THR B 72 18.79 11.85 0.75
N LYS B 73 18.54 10.86 1.62
CA LYS B 73 19.52 10.44 2.66
C LYS B 73 20.45 9.37 2.07
N ARG B 74 20.28 8.99 0.80
CA ARG B 74 21.24 8.09 0.10
C ARG B 74 22.49 8.93 -0.22
N PRO B 75 23.65 8.29 -0.45
CA PRO B 75 24.90 8.97 -0.82
C PRO B 75 24.71 10.06 -1.87
N GLN B 76 25.55 11.12 -1.78
CA GLN B 76 25.57 12.28 -2.70
C GLN B 76 25.72 11.83 -4.16
N ILE B 77 26.58 10.84 -4.42
CA ILE B 77 26.88 10.34 -5.80
C ILE B 77 25.59 9.75 -6.42
N GLN B 78 24.82 9.03 -5.61
CA GLN B 78 23.52 8.44 -6.02
C GLN B 78 22.46 9.54 -6.19
N ARG B 79 22.44 10.53 -5.30
CA ARG B 79 21.41 11.60 -5.30
C ARG B 79 21.56 12.44 -6.57
N LYS B 80 22.79 12.83 -6.89
CA LYS B 80 23.03 13.62 -8.13
C LYS B 80 22.51 12.79 -9.31
N ALA B 81 22.89 11.50 -9.37
CA ALA B 81 22.59 10.63 -10.52
C ALA B 81 21.07 10.43 -10.69
N PHE B 82 20.30 10.24 -9.60
CA PHE B 82 18.83 10.02 -9.74
C PHE B 82 18.16 11.37 -10.00
N THR B 83 18.67 12.45 -9.38
CA THR B 83 18.11 13.81 -9.58
C THR B 83 18.31 14.19 -11.06
N ASP B 84 19.52 14.05 -11.61
CA ASP B 84 19.77 14.39 -13.05
C ASP B 84 18.86 13.55 -13.96
N ALA B 85 18.70 12.26 -13.68
CA ALA B 85 17.89 11.36 -14.55
C ALA B 85 16.43 11.80 -14.50
N CYS B 86 15.91 12.19 -13.33
CA CYS B 86 14.54 12.74 -13.16
C CYS B 86 14.41 14.02 -14.00
N ILE B 87 15.33 14.97 -13.81
CA ILE B 87 15.36 16.26 -14.60
C ILE B 87 15.28 15.95 -16.09
N LYS B 88 16.12 15.05 -16.60
CA LYS B 88 16.18 14.67 -18.03
C LYS B 88 14.83 14.06 -18.46
N SER B 89 14.29 13.12 -17.69
CA SER B 89 12.99 12.44 -17.95
C SER B 89 11.87 13.48 -18.10
N VAL B 90 11.78 14.43 -17.20
CA VAL B 90 10.73 15.48 -17.32
C VAL B 90 10.97 16.28 -18.61
N GLN B 91 12.20 16.76 -18.84
CA GLN B 91 12.57 17.58 -20.02
C GLN B 91 12.20 16.80 -21.30
N GLU B 92 12.50 15.51 -21.35
CA GLU B 92 12.26 14.66 -22.54
C GLU B 92 10.75 14.45 -22.74
N ILE B 93 9.95 14.34 -21.68
CA ILE B 93 8.46 14.22 -21.82
C ILE B 93 7.88 15.59 -22.21
N ALA B 94 8.48 16.69 -21.74
CA ALA B 94 8.14 18.09 -22.13
C ALA B 94 8.37 18.32 -23.63
N LYS B 95 9.39 17.69 -24.25
CA LYS B 95 9.64 17.75 -25.72
C LYS B 95 8.52 17.01 -26.47
N ARG B 96 7.58 16.37 -25.77
CA ARG B 96 6.53 15.49 -26.37
C ARG B 96 5.16 16.11 -26.13
N ASP B 97 4.08 15.36 -26.42
CA ASP B 97 2.67 15.82 -26.36
C ASP B 97 2.04 15.38 -25.02
N ALA B 98 2.14 16.22 -23.99
CA ALA B 98 1.82 15.82 -22.59
C ALA B 98 1.46 17.04 -21.74
N GLU B 99 0.51 16.88 -20.81
CA GLU B 99 0.18 17.87 -19.76
C GLU B 99 0.96 17.47 -18.50
N ILE B 100 2.07 18.15 -18.24
CA ILE B 100 3.08 17.75 -17.22
C ILE B 100 2.76 18.46 -15.90
N LEU B 101 2.80 17.71 -14.80
CA LEU B 101 2.77 18.26 -13.41
C LEU B 101 3.86 17.60 -12.56
N VAL B 102 4.54 18.42 -11.76
CA VAL B 102 5.59 17.97 -10.81
C VAL B 102 5.08 18.31 -9.41
N VAL B 103 5.02 17.32 -8.52
CA VAL B 103 4.58 17.54 -7.13
C VAL B 103 5.77 17.20 -6.22
N GLY B 104 5.98 18.02 -5.20
CA GLY B 104 7.03 17.76 -4.19
C GLY B 104 7.37 19.03 -3.45
N ASN B 105 8.26 18.91 -2.48
CA ASN B 105 8.59 20.00 -1.52
C ASN B 105 9.57 20.96 -2.21
N THR B 106 9.03 22.03 -2.80
CA THR B 106 9.79 23.10 -3.51
C THR B 106 10.52 23.96 -2.48
N ASN B 107 10.08 23.99 -1.22
CA ASN B 107 10.67 24.81 -0.12
C ASN B 107 11.91 24.08 0.43
N SER B 108 12.88 23.80 -0.45
CA SER B 108 14.12 23.03 -0.15
C SER B 108 15.15 23.21 -1.27
N ASP B 109 16.43 23.29 -0.88
CA ASP B 109 17.62 23.28 -1.78
C ASP B 109 17.60 22.08 -2.72
N ILE B 110 17.05 20.95 -2.27
CA ILE B 110 17.18 19.64 -2.98
C ILE B 110 16.30 19.71 -4.23
N PHE B 111 15.25 20.53 -4.22
CA PHE B 111 14.30 20.59 -5.33
C PHE B 111 14.99 21.24 -6.53
N PRO B 112 15.10 20.53 -7.67
CA PRO B 112 15.77 21.10 -8.85
C PRO B 112 15.01 22.29 -9.45
N GLU B 113 15.68 23.44 -9.47
CA GLU B 113 15.17 24.71 -10.05
C GLU B 113 14.67 24.48 -11.47
N GLU B 114 15.34 23.62 -12.24
CA GLU B 114 14.93 23.27 -13.63
C GLU B 114 13.46 22.84 -13.66
N LEU B 115 12.93 22.26 -12.57
CA LEU B 115 11.57 21.63 -12.59
C LEU B 115 10.48 22.54 -12.00
N LEU B 116 10.83 23.71 -11.47
CA LEU B 116 9.88 24.60 -10.75
C LEU B 116 8.78 25.07 -11.71
N GLU B 117 9.11 25.21 -13.00
CA GLU B 117 8.16 25.66 -14.04
C GLU B 117 7.08 24.60 -14.29
N TYR B 118 7.27 23.36 -13.86
CA TYR B 118 6.29 22.25 -14.09
C TYR B 118 5.40 22.03 -12.86
N THR B 119 5.52 22.85 -11.80
CA THR B 119 4.79 22.68 -10.51
C THR B 119 3.41 23.33 -10.59
N LYS B 120 2.98 23.73 -11.79
CA LYS B 120 1.57 24.02 -12.18
C LYS B 120 1.33 23.31 -13.50
N ARG B 121 0.16 22.69 -13.69
CA ARG B 121 -0.03 21.85 -14.89
C ARG B 121 0.03 22.76 -16.12
N THR B 122 0.73 22.30 -17.17
CA THR B 122 0.81 22.93 -18.51
C THR B 122 -0.25 22.27 -19.40
N LYS B 123 -0.96 23.06 -20.23
CA LYS B 123 -1.82 22.58 -21.36
C LYS B 123 -3.07 21.89 -20.82
N ILE B 129 -2.54 13.25 -22.89
CA ILE B 129 -2.29 12.42 -21.67
C ILE B 129 -1.83 13.34 -20.54
N LYS B 130 -2.19 13.06 -19.29
CA LYS B 130 -1.62 13.79 -18.12
C LYS B 130 -0.42 13.00 -17.57
N ILE B 131 0.72 13.65 -17.34
CA ILE B 131 1.92 12.98 -16.79
C ILE B 131 2.33 13.74 -15.53
N ASN B 132 2.39 13.05 -14.41
CA ASN B 132 2.80 13.61 -13.10
C ASN B 132 4.12 12.97 -12.70
N PHE B 133 4.98 13.74 -12.05
CA PHE B 133 6.27 13.29 -11.47
C PHE B 133 6.26 13.67 -9.99
N LEU B 134 6.65 12.73 -9.14
CA LEU B 134 6.97 13.01 -7.73
C LEU B 134 8.48 13.26 -7.61
N ILE B 135 8.80 14.48 -7.24
CA ILE B 135 10.18 15.04 -7.12
C ILE B 135 10.33 15.65 -5.74
N ASN B 136 11.24 15.13 -4.90
CA ASN B 136 11.44 15.58 -3.50
C ASN B 136 10.08 15.49 -2.80
N TYR B 137 9.30 14.45 -3.10
CA TYR B 137 7.99 14.16 -2.48
C TYR B 137 8.23 13.43 -1.15
N GLY B 138 7.32 13.65 -0.21
CA GLY B 138 7.27 12.88 1.04
C GLY B 138 5.81 12.68 1.42
N TRP B 139 5.46 11.49 1.90
CA TRP B 139 4.04 11.16 2.24
C TRP B 139 3.63 12.06 3.43
N TYR B 140 4.54 12.29 4.35
CA TYR B 140 4.28 13.05 5.60
C TYR B 140 4.09 14.53 5.25
N TRP B 141 5.00 15.08 4.44
CA TRP B 141 4.90 16.40 3.78
C TRP B 141 3.55 16.50 3.08
N ASP B 142 3.16 15.47 2.34
CA ASP B 142 1.92 15.49 1.52
C ASP B 142 0.71 15.69 2.45
N LEU B 143 0.57 14.84 3.47
CA LEU B 143 -0.66 14.82 4.31
C LEU B 143 -0.70 16.07 5.20
N THR B 144 0.44 16.51 5.75
CA THR B 144 0.48 17.64 6.72
C THR B 144 0.39 18.97 5.97
N TYR B 145 0.50 18.97 4.64
CA TYR B 145 0.27 20.18 3.80
C TYR B 145 -1.13 20.73 4.10
N LYS B 155 -12.10 19.45 4.30
CA LYS B 155 -11.17 20.40 3.62
C LYS B 155 -9.79 19.75 3.44
N MET B 156 -9.22 19.18 4.50
CA MET B 156 -7.85 18.59 4.55
C MET B 156 -7.57 17.74 3.30
N ILE B 157 -8.37 16.68 3.08
CA ILE B 157 -8.15 15.68 1.98
C ILE B 157 -8.17 16.37 0.61
N GLU B 158 -8.94 17.44 0.46
CA GLU B 158 -9.02 18.21 -0.81
C GLU B 158 -7.77 19.08 -0.95
N ASN B 159 -7.02 19.29 0.14
CA ASN B 159 -5.88 20.23 0.24
C ASN B 159 -4.56 19.52 0.61
N ILE B 160 -4.44 18.19 0.45
CA ILE B 160 -3.12 17.50 0.55
C ILE B 160 -2.24 18.06 -0.58
N ALA B 161 -0.92 18.06 -0.42
CA ALA B 161 -0.01 18.59 -1.46
C ALA B 161 -0.33 17.97 -2.83
N SER B 162 -0.75 16.70 -2.87
CA SER B 162 -0.92 15.92 -4.12
C SER B 162 -2.38 15.96 -4.59
N ALA B 163 -3.20 16.89 -4.10
CA ALA B 163 -4.67 16.90 -4.31
C ALA B 163 -5.01 16.87 -5.80
N GLU B 164 -4.20 17.48 -6.65
CA GLU B 164 -4.39 17.50 -8.14
C GLU B 164 -4.31 16.08 -8.70
N ILE B 165 -3.59 15.17 -8.03
CA ILE B 165 -3.35 13.80 -8.58
C ILE B 165 -4.53 12.93 -8.14
N PRO B 166 -5.33 12.38 -9.07
CA PRO B 166 -6.48 11.57 -8.70
C PRO B 166 -6.12 10.15 -8.24
N ARG B 167 -7.13 9.40 -7.83
CA ARG B 167 -6.99 8.01 -7.35
C ARG B 167 -6.20 7.21 -8.39
N VAL B 168 -5.28 6.35 -7.93
CA VAL B 168 -4.49 5.43 -8.80
C VAL B 168 -5.30 4.14 -8.99
N ASP B 169 -5.47 3.68 -10.22
CA ASP B 169 -6.17 2.39 -10.52
C ASP B 169 -5.16 1.25 -10.50
N LEU B 170 -4.02 1.44 -11.17
CA LEU B 170 -2.98 0.39 -11.30
C LEU B 170 -1.62 1.02 -11.00
N LEU B 171 -0.91 0.41 -10.06
CA LEU B 171 0.47 0.79 -9.72
C LEU B 171 1.34 -0.37 -10.16
N ILE B 172 2.36 -0.07 -10.94
CA ILE B 172 3.38 -1.03 -11.44
C ILE B 172 4.74 -0.64 -10.86
N ARG B 173 5.37 -1.59 -10.21
CA ARG B 173 6.69 -1.42 -9.57
C ARG B 173 7.66 -2.42 -10.19
N TRP B 174 8.76 -1.89 -10.73
CA TRP B 174 9.95 -2.66 -11.18
C TRP B 174 10.89 -2.94 -10.01
N GLY B 175 11.71 -3.97 -10.13
CA GLY B 175 12.77 -4.26 -9.16
C GLY B 175 12.32 -5.23 -8.10
N GLY B 176 11.14 -5.83 -8.23
CA GLY B 176 10.81 -7.06 -7.49
C GLY B 176 10.29 -6.82 -6.07
N ARG B 177 10.29 -5.60 -5.54
CA ARG B 177 9.76 -5.33 -4.16
C ARG B 177 8.26 -4.98 -4.22
N CYS B 178 7.45 -5.57 -3.34
CA CYS B 178 6.00 -5.30 -3.29
C CYS B 178 5.68 -4.35 -2.12
N ARG B 179 5.81 -3.05 -2.37
CA ARG B 179 5.60 -2.01 -1.33
C ARG B 179 5.41 -0.69 -2.05
N LEU B 180 4.83 0.28 -1.35
CA LEU B 180 4.52 1.59 -1.94
C LEU B 180 5.69 2.58 -1.77
N SER B 181 6.56 2.35 -0.80
CA SER B 181 7.66 3.27 -0.43
C SER B 181 7.09 4.69 -0.29
N GLY B 182 5.90 4.80 0.34
CA GLY B 182 5.30 6.09 0.73
C GLY B 182 4.79 6.90 -0.44
N MET B 183 4.49 6.24 -1.56
CA MET B 183 3.92 6.89 -2.76
C MET B 183 2.42 7.12 -2.54
N LEU B 184 2.01 8.39 -2.39
CA LEU B 184 0.59 8.82 -2.51
C LEU B 184 -0.33 7.91 -1.68
N PRO B 185 -0.22 7.92 -0.34
CA PRO B 185 -1.05 7.07 0.51
C PRO B 185 -2.56 7.26 0.29
N VAL B 186 -3.02 8.50 0.06
CA VAL B 186 -4.46 8.75 -0.21
C VAL B 186 -4.87 8.04 -1.50
N GLN B 187 -4.13 8.26 -2.58
CA GLN B 187 -4.57 7.87 -3.94
C GLN B 187 -4.38 6.36 -4.14
N THR B 188 -3.57 5.69 -3.30
CA THR B 188 -3.23 4.27 -3.55
C THR B 188 -4.05 3.31 -2.67
N VAL B 189 -5.03 3.80 -1.91
CA VAL B 189 -5.80 2.97 -0.92
C VAL B 189 -6.42 1.72 -1.59
N TYR B 190 -6.88 1.81 -2.83
CA TYR B 190 -7.57 0.71 -3.56
C TYR B 190 -6.81 0.27 -4.81
N SER B 191 -5.63 0.81 -5.07
CA SER B 191 -4.81 0.51 -6.28
C SER B 191 -4.51 -0.98 -6.32
N ASP B 192 -4.76 -1.62 -7.48
CA ASP B 192 -4.20 -2.96 -7.79
C ASP B 192 -2.71 -2.83 -8.09
N ILE B 193 -1.89 -3.62 -7.41
CA ILE B 193 -0.41 -3.48 -7.46
C ILE B 193 0.13 -4.64 -8.29
N TYR B 194 0.95 -4.36 -9.29
CA TYR B 194 1.63 -5.37 -10.15
C TYR B 194 3.13 -5.19 -10.03
N VAL B 195 3.86 -6.22 -9.58
CA VAL B 195 5.33 -6.17 -9.37
C VAL B 195 6.04 -6.88 -10.54
N VAL B 196 6.90 -6.15 -11.23
CA VAL B 196 7.84 -6.71 -12.25
C VAL B 196 9.14 -7.03 -11.53
N ASP B 197 9.60 -8.29 -11.65
CA ASP B 197 10.84 -8.80 -11.02
C ASP B 197 12.06 -8.14 -11.62
N GLU B 198 12.09 -7.95 -12.95
CA GLU B 198 13.23 -7.27 -13.61
C GLU B 198 13.35 -5.85 -13.07
N MET B 199 14.59 -5.35 -13.04
CA MET B 199 14.94 -3.97 -12.63
C MET B 199 14.49 -3.00 -13.73
N TRP B 200 14.17 -1.79 -13.33
CA TRP B 200 13.56 -0.75 -14.21
C TRP B 200 14.37 -0.59 -15.50
N PRO B 201 15.72 -0.46 -15.50
CA PRO B 201 16.46 -0.31 -16.76
C PRO B 201 16.29 -1.50 -17.72
N ASP B 202 15.80 -2.65 -17.24
CA ASP B 202 15.50 -3.85 -18.07
C ASP B 202 14.04 -3.84 -18.48
N PHE B 203 13.38 -2.67 -18.42
CA PHE B 203 11.98 -2.51 -18.86
C PHE B 203 11.81 -3.20 -20.21
N LYS B 204 10.73 -3.96 -20.39
CA LYS B 204 10.27 -4.47 -21.70
C LYS B 204 8.81 -4.09 -21.85
N PRO B 205 8.36 -3.76 -23.08
CA PRO B 205 6.95 -3.50 -23.33
C PRO B 205 6.05 -4.57 -22.71
N GLU B 206 6.43 -5.85 -22.76
CA GLU B 206 5.57 -6.94 -22.22
C GLU B 206 5.41 -6.81 -20.68
N HIS B 207 6.31 -6.11 -19.95
CA HIS B 207 6.09 -5.78 -18.51
C HIS B 207 4.81 -4.99 -18.33
N LEU B 208 4.64 -3.92 -19.11
CA LEU B 208 3.45 -3.07 -19.09
C LEU B 208 2.25 -3.88 -19.62
N PHE B 209 2.42 -4.69 -20.67
CA PHE B 209 1.25 -5.41 -21.28
C PHE B 209 0.71 -6.37 -20.23
N LYS B 210 1.61 -7.09 -19.56
CA LYS B 210 1.28 -8.08 -18.51
C LYS B 210 0.60 -7.39 -17.33
N ALA B 211 1.03 -6.17 -16.99
CA ALA B 211 0.40 -5.40 -15.90
C ALA B 211 -1.04 -5.05 -16.30
N LEU B 212 -1.23 -4.62 -17.55
CA LEU B 212 -2.56 -4.21 -18.10
C LEU B 212 -3.51 -5.42 -18.19
N GLU B 213 -3.01 -6.62 -18.51
CA GLU B 213 -3.81 -7.88 -18.52
C GLU B 213 -4.23 -8.24 -17.08
N PHE B 214 -3.29 -8.19 -16.13
CA PHE B 214 -3.57 -8.34 -14.68
C PHE B 214 -4.71 -7.40 -14.31
N TYR B 215 -4.60 -6.11 -14.66
CA TYR B 215 -5.63 -5.11 -14.30
C TYR B 215 -7.00 -5.54 -14.86
N GLN B 216 -7.07 -5.95 -16.12
CA GLN B 216 -8.39 -6.16 -16.80
C GLN B 216 -9.06 -7.41 -16.21
N ASN B 217 -8.24 -8.38 -15.81
CA ASN B 217 -8.63 -9.68 -15.19
C ASN B 217 -9.11 -9.53 -13.75
N GLN B 218 -9.11 -8.31 -13.18
CA GLN B 218 -9.70 -8.08 -11.82
C GLN B 218 -11.21 -7.93 -11.99
C1 IPE C . -11.24 -5.75 -0.06
O1 IPE C . -11.59 -5.54 -1.42
C2 IPE C . -12.48 -5.88 0.72
C3 IPE C . -12.38 -5.11 1.99
C4 IPE C . -11.77 -5.58 3.06
C5 IPE C . -13.00 -3.74 1.95
PA IPE C . -12.04 -4.09 -1.88
O1A IPE C . -12.50 -3.34 -0.68
O2A IPE C . -10.99 -3.45 -2.72
O3A IPE C . -13.27 -4.51 -2.78
PB IPE C . -14.17 -3.72 -3.83
O1B IPE C . -15.55 -4.16 -3.43
O2B IPE C . -13.90 -2.28 -3.59
O3B IPE C . -13.81 -4.16 -5.21
P PO4 D . -14.58 -12.18 -1.32
O1 PO4 D . -15.29 -12.37 0.02
O2 PO4 D . -14.47 -13.50 -2.02
O3 PO4 D . -13.15 -11.63 -1.10
O4 PO4 D . -15.39 -11.22 -2.10
C1 PLM E . 12.10 3.40 -3.21
O1 PLM E . 12.17 2.22 -2.74
O2 PLM E . 12.40 4.43 -2.56
C2 PLM E . 11.63 3.56 -4.64
C3 PLM E . 12.53 4.33 -5.53
C4 PLM E . 11.87 4.65 -6.87
C5 PLM E . 12.51 5.77 -7.62
C6 PLM E . 14.00 5.57 -7.82
C7 PLM E . 14.45 5.82 -9.22
C8 PLM E . 14.77 7.26 -9.48
C9 PLM E . 14.39 7.74 -10.86
CA PLM E . 15.53 7.74 -11.86
CB PLM E . 15.35 6.75 -12.98
CC PLM E . 14.71 7.33 -14.20
CD PLM E . 13.46 8.14 -13.96
CE PLM E . 12.27 7.71 -14.77
CF PLM E . 10.95 8.14 -14.22
CG PLM E . 10.94 9.50 -13.55
P PO4 F . 17.57 -0.29 -6.17
O1 PO4 F . 17.75 -0.15 -4.69
O2 PO4 F . 18.39 -1.43 -6.63
O3 PO4 F . 17.97 1.04 -6.88
O4 PO4 F . 16.12 -0.57 -6.54
#